data_3IQX
#
_entry.id   3IQX
#
_cell.length_a   46.750
_cell.length_b   105.590
_cell.length_c   137.350
_cell.angle_alpha   90.00
_cell.angle_beta   90.00
_cell.angle_gamma   90.00
#
_symmetry.space_group_name_H-M   'P 21 21 21'
#
loop_
_entity.id
_entity.type
_entity.pdbx_description
1 polymer 'Tail-anchored protein targeting factor Get3'
2 non-polymer "ADENOSINE-5'-DIPHOSPHATE"
3 non-polymer 'MAGNESIUM ION'
4 non-polymer 'ZINC ION'
#
_entity_poly.entity_id   1
_entity_poly.type   'polypeptide(L)'
_entity_poly.pdbx_seq_one_letter_code
;MSMEPTLQSILDQRSLRWIFVGGKGGVGKTTTSCSLAIQLAKVRRSVLLLSTDPAHNLSDAFSQKFGKEARLVEGFDNLY
AMEIDPNGSMQDLLAGQTGDGDAGMGGVGVMQDLAYAIPGIDEAMSFAEVLKQVNSLSYETIVFDTAPTGHTLRFLQFPT
VLEKALAKVSQLSGQYGSLLNGILGGSGTLPNGQTLSDVMEKLDSLRVTISEVNAQFKDERLTTFVCVCIPEFLSLYETE
RMIQELANYGIDTHCIVVNQLLFPKPGSDCEQCTARRRMQKKYLDQIEELYDEEFNVVKMPLLVEEVRGKERLEKFSEML
IKPFVPPEHHHHHH
;
_entity_poly.pdbx_strand_id   A,B
#
# COMPACT_ATOMS: atom_id res chain seq x y z
N SER A 2 13.68 -27.35 6.56
CA SER A 2 13.51 -26.30 7.61
C SER A 2 14.79 -25.52 8.02
N MET A 3 14.76 -24.22 7.89
CA MET A 3 15.87 -23.44 8.35
C MET A 3 15.41 -22.58 9.50
N GLU A 4 16.36 -21.97 10.18
CA GLU A 4 16.02 -21.10 11.28
C GLU A 4 14.99 -20.12 10.89
N PRO A 5 14.10 -19.80 11.82
CA PRO A 5 13.13 -18.77 11.53
C PRO A 5 13.67 -17.42 11.91
N THR A 6 14.83 -17.05 11.38
CA THR A 6 15.50 -15.79 11.74
C THR A 6 16.37 -15.29 10.61
N LEU A 7 16.70 -14.02 10.65
CA LEU A 7 17.50 -13.40 9.62
C LEU A 7 18.96 -13.43 9.95
N GLN A 8 19.31 -14.29 10.89
CA GLN A 8 20.69 -14.42 11.29
C GLN A 8 21.57 -14.56 10.07
N SER A 9 21.05 -15.20 9.04
CA SER A 9 21.79 -15.48 7.81
C SER A 9 22.18 -14.24 7.06
N ILE A 10 21.36 -13.20 7.18
CA ILE A 10 21.65 -11.98 6.49
C ILE A 10 22.69 -11.23 7.26
N LEU A 11 22.64 -11.35 8.57
CA LEU A 11 23.70 -10.77 9.34
C LEU A 11 24.93 -11.48 8.90
N ASP A 12 24.90 -12.80 8.83
CA ASP A 12 26.10 -13.56 8.54
C ASP A 12 26.67 -13.35 7.15
N GLN A 13 25.82 -13.07 6.16
CA GLN A 13 26.27 -13.04 4.76
C GLN A 13 27.02 -11.77 4.33
N ARG A 14 28.29 -11.65 4.67
CA ARG A 14 28.93 -10.38 4.49
C ARG A 14 28.88 -9.78 3.10
N SER A 15 28.90 -10.60 2.06
CA SER A 15 28.93 -10.10 0.68
C SER A 15 27.80 -9.16 0.31
N LEU A 16 26.72 -9.23 1.07
CA LEU A 16 25.52 -8.48 0.75
C LEU A 16 25.77 -7.00 0.60
N ARG A 17 25.23 -6.45 -0.46
CA ARG A 17 25.39 -5.03 -0.71
C ARG A 17 24.00 -4.38 -0.90
N TRP A 18 23.09 -5.04 -1.60
CA TRP A 18 21.74 -4.48 -1.76
C TRP A 18 20.66 -5.38 -1.21
N ILE A 19 20.12 -5.04 -0.05
CA ILE A 19 18.98 -5.78 0.45
C ILE A 19 17.68 -5.05 0.21
N PHE A 20 16.80 -5.69 -0.56
CA PHE A 20 15.53 -5.10 -0.97
C PHE A 20 14.37 -5.69 -0.22
N VAL A 21 13.55 -4.82 0.35
CA VAL A 21 12.44 -5.32 1.14
C VAL A 21 11.16 -5.06 0.37
N GLY A 22 10.41 -6.10 0.07
CA GLY A 22 9.27 -5.95 -0.81
C GLY A 22 8.11 -6.64 -0.18
N GLY A 23 6.93 -6.39 -0.76
CA GLY A 23 5.68 -6.91 -0.24
C GLY A 23 4.56 -5.93 -0.53
N LYS A 24 3.39 -6.17 0.03
CA LYS A 24 2.24 -5.42 -0.35
C LYS A 24 2.07 -4.19 0.49
N GLY A 25 1.38 -3.21 -0.06
CA GLY A 25 1.19 -1.96 0.63
C GLY A 25 0.77 -2.06 2.07
N GLY A 26 1.66 -1.68 2.96
CA GLY A 26 1.31 -1.61 4.35
C GLY A 26 1.34 -2.93 5.07
N VAL A 27 1.95 -3.96 4.48
CA VAL A 27 2.14 -5.20 5.21
C VAL A 27 3.22 -4.98 6.27
N GLY A 28 3.94 -3.88 6.16
CA GLY A 28 4.92 -3.55 7.17
C GLY A 28 6.29 -3.46 6.55
N LYS A 29 6.35 -3.25 5.25
CA LYS A 29 7.65 -3.09 4.60
C LYS A 29 8.53 -2.16 5.41
N THR A 30 8.20 -0.87 5.42
CA THR A 30 9.08 0.12 6.02
C THR A 30 9.61 -0.29 7.37
N THR A 31 8.71 -0.55 8.30
CA THR A 31 9.09 -1.08 9.60
C THR A 31 10.21 -2.16 9.62
N THR A 32 10.17 -3.14 8.72
CA THR A 32 11.26 -4.10 8.64
C THR A 32 12.56 -3.50 8.14
N SER A 33 12.49 -2.88 6.98
CA SER A 33 13.60 -2.14 6.46
C SER A 33 14.33 -1.52 7.63
N CYS A 34 13.64 -0.76 8.43
CA CYS A 34 14.31 -0.19 9.56
C CYS A 34 14.91 -1.23 10.45
N SER A 35 14.05 -1.99 11.10
CA SER A 35 14.54 -3.01 11.99
C SER A 35 15.74 -3.72 11.39
N LEU A 36 15.65 -4.11 10.13
CA LEU A 36 16.74 -4.84 9.51
C LEU A 36 18.02 -4.02 9.48
N ALA A 37 17.92 -2.74 9.13
CA ALA A 37 19.09 -1.87 9.09
C ALA A 37 19.62 -1.74 10.50
N ILE A 38 18.74 -1.43 11.41
CA ILE A 38 19.15 -1.34 12.77
C ILE A 38 20.06 -2.48 13.19
N GLN A 39 19.67 -3.69 12.83
CA GLN A 39 20.37 -4.87 13.27
C GLN A 39 21.70 -5.10 12.54
N LEU A 40 21.71 -4.79 11.25
CA LEU A 40 22.91 -4.90 10.47
C LEU A 40 23.85 -3.86 10.98
N ALA A 41 23.29 -2.68 11.18
CA ALA A 41 24.05 -1.57 11.69
C ALA A 41 24.85 -2.03 12.90
N LYS A 42 24.38 -3.06 13.57
CA LYS A 42 25.04 -3.44 14.76
C LYS A 42 26.28 -4.23 14.43
N VAL A 43 26.31 -4.83 13.24
CA VAL A 43 27.44 -5.69 12.84
C VAL A 43 27.90 -5.47 11.39
N ARG A 44 27.99 -4.20 11.00
CA ARG A 44 28.64 -3.79 9.76
C ARG A 44 29.36 -2.47 10.01
N ARG A 45 30.17 -2.04 9.05
CA ARG A 45 30.88 -0.84 9.28
C ARG A 45 29.88 0.26 9.16
N SER A 46 28.96 0.16 8.20
CA SER A 46 27.95 1.21 8.08
C SER A 46 26.83 0.70 7.26
N VAL A 47 25.64 1.27 7.44
CA VAL A 47 24.48 0.83 6.66
C VAL A 47 23.57 1.94 6.14
N LEU A 48 23.23 1.89 4.88
CA LEU A 48 22.46 2.98 4.37
C LEU A 48 21.08 2.47 4.10
N LEU A 49 20.14 3.17 4.70
CA LEU A 49 18.77 2.82 4.65
C LEU A 49 18.20 3.80 3.65
N LEU A 50 17.65 3.29 2.54
CA LEU A 50 17.30 4.18 1.44
C LEU A 50 15.89 4.02 0.89
N SER A 51 15.07 5.06 1.02
CA SER A 51 13.68 4.99 0.61
C SER A 51 13.40 5.61 -0.73
N THR A 52 12.52 4.97 -1.49
CA THR A 52 12.14 5.49 -2.78
C THR A 52 10.66 5.66 -2.78
N ASP A 53 9.96 4.93 -1.90
CA ASP A 53 8.52 5.04 -1.92
C ASP A 53 8.36 6.49 -2.23
N PRO A 54 7.49 6.81 -3.19
CA PRO A 54 7.19 8.22 -3.32
C PRO A 54 6.79 8.79 -1.95
N ALA A 55 6.97 8.01 -0.87
CA ALA A 55 6.71 8.55 0.48
C ALA A 55 7.93 8.88 1.40
N HIS A 56 7.54 9.47 2.52
CA HIS A 56 8.43 10.15 3.48
C HIS A 56 8.46 9.30 4.76
N ASN A 57 8.29 7.95 4.67
CA ASN A 57 8.02 7.15 5.88
C ASN A 57 9.20 6.74 6.76
N LEU A 58 10.41 6.85 6.22
CA LEU A 58 11.58 6.72 7.05
C LEU A 58 11.52 7.74 8.14
N SER A 59 11.36 8.98 7.76
CA SER A 59 11.30 10.04 8.73
C SER A 59 10.26 9.77 9.76
N ASP A 60 9.05 9.50 9.32
CA ASP A 60 7.94 9.32 10.23
C ASP A 60 8.18 8.19 11.19
N ALA A 61 8.81 7.13 10.68
CA ALA A 61 9.17 5.94 11.45
C ALA A 61 10.23 6.19 12.50
N PHE A 62 11.14 7.09 12.19
CA PHE A 62 12.13 7.48 13.14
C PHE A 62 11.85 8.82 13.79
N SER A 63 10.74 9.45 13.47
CA SER A 63 10.55 10.79 13.94
C SER A 63 11.79 11.59 13.61
N GLN A 64 12.06 11.81 12.34
CA GLN A 64 13.27 12.52 12.02
C GLN A 64 13.30 12.93 10.56
N LYS A 65 13.51 14.23 10.31
CA LYS A 65 13.48 14.82 8.96
C LYS A 65 14.58 14.14 8.17
N PHE A 66 14.28 13.56 7.02
CA PHE A 66 15.33 12.98 6.18
C PHE A 66 15.23 13.45 4.77
N GLY A 67 16.37 13.48 4.08
CA GLY A 67 16.42 14.02 2.73
C GLY A 67 17.20 13.21 1.71
N LYS A 68 17.35 13.80 0.52
CA LYS A 68 18.07 13.17 -0.57
C LYS A 68 19.51 13.29 -0.24
N GLU A 69 19.76 13.81 0.95
CA GLU A 69 21.09 13.85 1.43
C GLU A 69 21.21 12.81 2.50
N ALA A 70 22.24 12.01 2.43
CA ALA A 70 22.43 11.05 3.50
C ALA A 70 22.48 11.78 4.82
N ARG A 71 22.31 11.02 5.91
CA ARG A 71 22.63 11.54 7.26
C ARG A 71 22.54 10.54 8.42
N LEU A 72 23.12 10.89 9.56
CA LEU A 72 23.25 9.91 10.61
C LEU A 72 21.89 9.78 11.22
N VAL A 73 21.50 8.57 11.54
CA VAL A 73 20.29 8.41 12.29
C VAL A 73 20.58 8.74 13.72
N GLU A 74 19.79 9.65 14.27
CA GLU A 74 19.92 10.02 15.66
C GLU A 74 19.97 8.83 16.60
N GLY A 75 20.97 8.80 17.47
CA GLY A 75 21.06 7.72 18.42
C GLY A 75 21.87 6.57 17.87
N PHE A 76 22.53 6.81 16.75
CA PHE A 76 23.43 5.83 16.19
C PHE A 76 24.60 6.61 15.67
N ASP A 77 25.71 5.92 15.40
CA ASP A 77 26.87 6.59 14.85
C ASP A 77 27.18 5.88 13.56
N ASN A 78 26.31 4.96 13.26
CA ASN A 78 26.63 3.94 12.35
C ASN A 78 25.74 3.89 11.13
N LEU A 79 24.51 4.27 11.33
CA LEU A 79 23.47 3.92 10.41
C LEU A 79 22.97 5.15 9.75
N TYR A 80 22.74 5.09 8.46
CA TYR A 80 22.34 6.28 7.76
C TYR A 80 21.09 6.05 6.96
N ALA A 81 20.28 7.08 6.79
CA ALA A 81 19.09 6.91 6.02
C ALA A 81 18.84 8.09 5.11
N MET A 82 18.29 7.84 3.94
CA MET A 82 17.90 8.94 3.10
C MET A 82 16.72 8.63 2.22
N GLU A 83 16.00 9.68 1.83
CA GLU A 83 14.76 9.50 1.11
C GLU A 83 14.80 10.36 -0.13
N ILE A 84 14.64 9.74 -1.30
CA ILE A 84 14.57 10.48 -2.56
C ILE A 84 13.45 9.97 -3.44
N ASP A 85 13.40 10.52 -4.64
CA ASP A 85 12.53 10.02 -5.69
C ASP A 85 13.23 10.30 -7.02
N PRO A 86 13.56 9.24 -7.75
CA PRO A 86 14.18 9.38 -9.07
C PRO A 86 14.21 10.82 -9.61
N ALA A 117 11.86 7.32 -26.29
CA ALA A 117 10.37 7.50 -26.36
C ALA A 117 9.63 6.23 -25.89
N ILE A 118 9.57 6.03 -24.58
CA ILE A 118 8.77 4.98 -23.96
C ILE A 118 8.17 5.57 -22.70
N PRO A 119 7.57 4.76 -21.82
CA PRO A 119 7.11 5.44 -20.63
C PRO A 119 8.02 4.99 -19.53
N GLY A 120 7.76 3.74 -19.14
CA GLY A 120 8.45 3.09 -18.04
C GLY A 120 9.92 3.34 -18.20
N ILE A 121 10.35 3.49 -19.45
CA ILE A 121 11.74 3.69 -19.74
C ILE A 121 12.39 4.92 -19.09
N ASP A 122 11.94 6.12 -19.43
CA ASP A 122 12.57 7.20 -18.72
C ASP A 122 12.75 6.78 -17.27
N GLU A 123 11.65 6.32 -16.71
CA GLU A 123 11.55 6.11 -15.27
C GLU A 123 12.65 5.28 -14.65
N ALA A 124 12.88 4.12 -15.22
CA ALA A 124 13.88 3.19 -14.70
C ALA A 124 15.23 3.77 -14.92
N MET A 125 15.37 4.42 -16.06
CA MET A 125 16.65 5.00 -16.31
C MET A 125 17.08 5.62 -14.99
N SER A 126 16.24 6.51 -14.49
CA SER A 126 16.42 7.26 -13.25
C SER A 126 16.96 6.37 -12.15
N PHE A 127 16.10 5.45 -11.71
CA PHE A 127 16.45 4.48 -10.69
C PHE A 127 17.83 3.87 -10.95
N ALA A 128 18.02 3.29 -12.12
CA ALA A 128 19.32 2.74 -12.46
C ALA A 128 20.40 3.69 -11.98
N GLU A 129 20.32 4.93 -12.40
CA GLU A 129 21.33 5.92 -12.08
C GLU A 129 21.51 6.13 -10.61
N VAL A 130 20.44 6.07 -9.85
CA VAL A 130 20.60 6.18 -8.43
C VAL A 130 21.56 5.16 -7.87
N LEU A 131 21.27 3.90 -8.12
CA LEU A 131 22.06 2.83 -7.58
C LEU A 131 23.48 2.98 -7.95
N LYS A 132 23.73 3.17 -9.22
CA LYS A 132 25.09 3.28 -9.66
C LYS A 132 25.72 4.27 -8.75
N GLN A 133 25.06 5.41 -8.64
CA GLN A 133 25.54 6.54 -7.88
C GLN A 133 25.95 6.13 -6.50
N VAL A 134 25.01 5.50 -5.85
CA VAL A 134 25.10 5.07 -4.46
C VAL A 134 25.95 3.88 -4.20
N ASN A 135 26.44 3.22 -5.23
CA ASN A 135 27.14 1.98 -5.02
C ASN A 135 28.58 2.27 -4.90
N SER A 136 28.89 3.54 -4.83
CA SER A 136 30.23 3.96 -5.01
C SER A 136 30.55 4.81 -3.86
N LEU A 137 29.67 4.80 -2.88
CA LEU A 137 29.87 5.42 -1.59
C LEU A 137 30.51 4.37 -0.72
N SER A 138 30.98 4.75 0.43
CA SER A 138 31.61 3.75 1.25
C SER A 138 30.57 2.80 1.81
N TYR A 139 29.38 3.30 2.11
CA TYR A 139 28.41 2.51 2.90
C TYR A 139 28.62 1.08 2.58
N GLU A 140 28.70 0.24 3.60
CA GLU A 140 28.99 -1.14 3.34
C GLU A 140 27.80 -1.93 2.83
N THR A 141 26.64 -1.72 3.42
CA THR A 141 25.48 -2.46 3.02
C THR A 141 24.32 -1.51 2.90
N ILE A 142 23.46 -1.71 1.91
CA ILE A 142 22.30 -0.84 1.72
C ILE A 142 20.98 -1.59 1.79
N VAL A 143 20.03 -1.07 2.55
CA VAL A 143 18.76 -1.69 2.63
C VAL A 143 17.82 -0.75 1.97
N PHE A 144 17.19 -1.23 0.90
CA PHE A 144 16.33 -0.37 0.10
C PHE A 144 14.87 -0.47 0.52
N ASP A 145 14.17 0.66 0.57
CA ASP A 145 12.72 0.65 0.75
C ASP A 145 12.14 1.14 -0.57
N THR A 146 11.08 0.55 -1.09
CA THR A 146 10.59 1.11 -2.34
C THR A 146 9.18 0.88 -2.83
N ALA A 147 8.94 1.65 -3.90
CA ALA A 147 7.69 1.78 -4.57
C ALA A 147 7.21 0.40 -4.91
N PRO A 148 5.88 0.24 -4.85
CA PRO A 148 5.08 -0.98 -4.87
C PRO A 148 5.46 -2.09 -5.89
N THR A 149 5.37 -3.35 -5.45
CA THR A 149 5.67 -4.44 -6.36
C THR A 149 5.56 -3.94 -7.80
N GLY A 150 4.47 -3.28 -8.13
CA GLY A 150 4.40 -2.77 -9.48
C GLY A 150 5.76 -2.25 -9.90
N HIS A 151 6.31 -1.32 -9.12
CA HIS A 151 7.49 -0.58 -9.55
C HIS A 151 8.75 -1.39 -9.61
N THR A 152 9.11 -2.05 -8.50
CA THR A 152 10.28 -2.91 -8.63
C THR A 152 10.08 -3.82 -9.88
N LEU A 153 8.85 -4.30 -10.06
CA LEU A 153 8.54 -5.22 -11.15
C LEU A 153 8.81 -4.60 -12.50
N ARG A 154 8.32 -3.38 -12.72
CA ARG A 154 8.63 -2.72 -13.97
C ARG A 154 10.11 -2.83 -14.20
N PHE A 155 10.89 -2.61 -13.16
CA PHE A 155 12.32 -2.49 -13.33
C PHE A 155 12.85 -3.67 -14.09
N LEU A 156 12.53 -4.86 -13.62
CA LEU A 156 13.06 -6.09 -14.19
C LEU A 156 12.51 -6.40 -15.55
N GLN A 157 11.20 -6.46 -15.65
CA GLN A 157 10.64 -6.72 -16.95
C GLN A 157 11.43 -5.91 -17.96
N PHE A 158 11.88 -4.73 -17.52
CA PHE A 158 12.45 -3.72 -18.41
C PHE A 158 13.80 -4.04 -19.07
N PRO A 159 14.84 -4.29 -18.28
CA PRO A 159 16.06 -4.52 -19.00
C PRO A 159 15.86 -5.59 -20.07
N THR A 160 15.80 -6.87 -19.60
CA THR A 160 15.72 -7.90 -20.67
C THR A 160 14.94 -7.32 -21.83
N VAL A 161 13.71 -6.93 -21.55
CA VAL A 161 12.95 -6.23 -22.54
C VAL A 161 13.70 -5.08 -23.19
N LEU A 162 13.94 -4.04 -22.40
CA LEU A 162 14.43 -2.80 -22.94
C LEU A 162 14.42 -2.77 -24.48
N ASP A 198 29.33 13.09 -28.57
CA ASP A 198 29.40 13.75 -27.26
C ASP A 198 28.00 14.11 -26.76
N VAL A 199 26.97 13.65 -27.48
CA VAL A 199 25.61 13.61 -26.96
C VAL A 199 25.04 12.17 -27.01
N MET A 200 24.90 11.61 -28.22
CA MET A 200 24.27 10.29 -28.41
C MET A 200 25.24 9.12 -28.12
N GLU A 201 26.51 9.32 -28.47
CA GLU A 201 27.52 8.40 -27.99
C GLU A 201 27.06 7.92 -26.62
N LYS A 202 25.83 8.32 -26.22
CA LYS A 202 25.37 8.13 -24.84
C LYS A 202 24.44 6.93 -24.57
N LEU A 203 23.71 6.47 -25.58
CA LEU A 203 22.90 5.26 -25.44
C LEU A 203 23.85 4.12 -25.02
N ASP A 204 25.10 4.26 -25.39
CA ASP A 204 26.18 3.35 -25.03
C ASP A 204 26.32 3.36 -23.51
N SER A 205 26.35 4.55 -22.93
CA SER A 205 26.56 4.70 -21.49
C SER A 205 25.44 4.09 -20.67
N LEU A 206 24.21 4.42 -21.01
CA LEU A 206 23.13 3.78 -20.29
C LEU A 206 23.30 2.29 -20.46
N ARG A 207 23.33 1.88 -21.73
CA ARG A 207 23.54 0.49 -21.99
C ARG A 207 24.41 -0.03 -20.88
N VAL A 208 25.63 0.47 -20.83
CA VAL A 208 26.57 -0.03 -19.87
C VAL A 208 25.99 -0.07 -18.48
N THR A 209 25.33 1.01 -18.07
CA THR A 209 24.89 1.09 -16.68
C THR A 209 23.88 0.00 -16.36
N ILE A 210 23.01 -0.35 -17.30
CA ILE A 210 21.99 -1.35 -17.00
C ILE A 210 22.51 -2.77 -16.86
N SER A 211 23.40 -3.17 -17.75
CA SER A 211 23.92 -4.52 -17.80
C SER A 211 24.86 -4.78 -16.67
N GLU A 212 25.31 -3.71 -16.01
CA GLU A 212 26.07 -3.90 -14.82
C GLU A 212 25.07 -3.90 -13.70
N VAL A 213 24.25 -2.87 -13.63
CA VAL A 213 23.35 -2.84 -12.52
C VAL A 213 22.72 -4.20 -12.49
N ASN A 214 22.10 -4.52 -13.59
CA ASN A 214 21.39 -5.77 -13.70
C ASN A 214 22.31 -6.96 -13.48
N ALA A 215 23.58 -6.82 -13.76
CA ALA A 215 24.48 -7.82 -13.29
C ALA A 215 24.23 -8.00 -11.80
N GLN A 216 24.48 -6.95 -11.01
CA GLN A 216 24.40 -7.03 -9.56
C GLN A 216 23.07 -7.46 -9.03
N PHE A 217 22.07 -7.43 -9.85
CA PHE A 217 20.82 -7.98 -9.39
C PHE A 217 20.93 -9.45 -9.48
N LYS A 218 21.49 -9.94 -10.57
CA LYS A 218 21.53 -11.38 -10.77
C LYS A 218 22.59 -12.07 -9.87
N ASP A 219 23.50 -11.28 -9.31
CA ASP A 219 24.47 -11.85 -8.37
C ASP A 219 23.92 -12.02 -6.93
N GLU A 220 23.91 -13.27 -6.49
CA GLU A 220 23.33 -13.58 -5.21
C GLU A 220 24.29 -13.40 -4.06
N ARG A 221 25.47 -12.85 -4.31
CA ARG A 221 26.36 -12.54 -3.20
C ARG A 221 26.10 -11.12 -2.84
N LEU A 222 25.47 -10.39 -3.75
CA LEU A 222 25.35 -8.95 -3.58
C LEU A 222 23.93 -8.51 -3.27
N THR A 223 22.96 -9.34 -3.68
CA THR A 223 21.61 -8.86 -3.68
C THR A 223 20.67 -9.98 -3.32
N THR A 224 19.80 -9.78 -2.32
CA THR A 224 18.59 -10.60 -2.13
C THR A 224 17.38 -9.73 -2.00
N PHE A 225 16.21 -10.36 -1.93
CA PHE A 225 14.99 -9.71 -1.44
C PHE A 225 14.50 -10.35 -0.13
N VAL A 226 13.93 -9.53 0.73
CA VAL A 226 13.21 -10.05 1.87
C VAL A 226 11.77 -9.85 1.55
N CYS A 227 10.92 -10.83 1.81
CA CYS A 227 9.52 -10.59 1.52
C CYS A 227 8.70 -10.33 2.71
N VAL A 228 8.01 -9.21 2.71
CA VAL A 228 7.18 -8.97 3.86
C VAL A 228 5.77 -9.33 3.51
N CYS A 229 5.03 -9.75 4.54
CA CYS A 229 3.62 -10.03 4.40
C CYS A 229 2.95 -10.41 5.71
N ILE A 230 1.64 -10.47 5.64
CA ILE A 230 0.88 -10.74 6.80
C ILE A 230 -0.12 -11.75 6.31
N PRO A 231 -0.73 -12.49 7.23
CA PRO A 231 -1.57 -13.60 6.88
C PRO A 231 -2.89 -13.07 6.42
N GLU A 232 -3.07 -13.02 5.12
CA GLU A 232 -4.34 -12.63 4.57
C GLU A 232 -4.27 -12.73 3.06
N PHE A 233 -5.39 -13.11 2.46
CA PHE A 233 -5.35 -13.57 1.10
C PHE A 233 -4.43 -12.71 0.30
N LEU A 234 -4.88 -11.49 0.07
CA LEU A 234 -4.21 -10.64 -0.89
C LEU A 234 -2.72 -10.44 -0.69
N SER A 235 -2.21 -10.51 0.54
CA SER A 235 -0.80 -10.23 0.73
C SER A 235 -0.01 -11.38 0.24
N LEU A 236 -0.40 -12.57 0.67
CA LEU A 236 0.38 -13.75 0.39
C LEU A 236 0.38 -14.05 -1.08
N TYR A 237 -0.64 -13.57 -1.76
CA TYR A 237 -0.74 -13.85 -3.15
C TYR A 237 0.28 -13.05 -3.93
N GLU A 238 0.81 -12.02 -3.29
CA GLU A 238 1.86 -11.23 -3.90
C GLU A 238 3.16 -11.94 -3.64
N THR A 239 3.46 -12.08 -2.36
CA THR A 239 4.65 -12.80 -1.99
C THR A 239 4.86 -13.96 -2.95
N GLU A 240 3.79 -14.63 -3.32
CA GLU A 240 3.93 -15.74 -4.20
C GLU A 240 4.40 -15.27 -5.53
N ARG A 241 3.55 -14.56 -6.24
CA ARG A 241 3.95 -14.08 -7.55
C ARG A 241 5.37 -13.48 -7.48
N MET A 242 5.58 -12.50 -6.61
CA MET A 242 6.88 -11.94 -6.42
C MET A 242 8.01 -12.99 -6.40
N ILE A 243 8.05 -13.81 -5.35
CA ILE A 243 9.10 -14.83 -5.21
C ILE A 243 9.34 -15.51 -6.51
N GLN A 244 8.24 -15.69 -7.20
CA GLN A 244 8.20 -16.41 -8.44
C GLN A 244 8.89 -15.63 -9.58
N GLU A 245 8.59 -14.34 -9.71
CA GLU A 245 9.21 -13.51 -10.73
C GLU A 245 10.66 -13.38 -10.36
N LEU A 246 10.90 -13.33 -9.07
CA LEU A 246 12.26 -13.23 -8.63
C LEU A 246 13.02 -14.43 -9.13
N ALA A 247 12.37 -15.57 -9.02
CA ALA A 247 12.87 -16.74 -9.64
C ALA A 247 13.05 -16.53 -11.13
N ASN A 248 12.01 -16.15 -11.84
CA ASN A 248 12.11 -16.03 -13.28
C ASN A 248 13.19 -15.11 -13.74
N TYR A 249 13.52 -14.11 -12.95
CA TYR A 249 14.52 -13.13 -13.34
C TYR A 249 15.89 -13.42 -12.80
N GLY A 250 16.04 -14.59 -12.20
CA GLY A 250 17.35 -15.07 -11.75
C GLY A 250 17.94 -14.29 -10.60
N ILE A 251 17.07 -13.68 -9.82
CA ILE A 251 17.47 -12.94 -8.66
C ILE A 251 17.17 -13.72 -7.38
N ASP A 252 18.09 -13.71 -6.43
CA ASP A 252 17.95 -14.45 -5.17
C ASP A 252 16.90 -13.94 -4.23
N THR A 253 16.20 -14.85 -3.56
CA THR A 253 15.47 -14.45 -2.35
C THR A 253 15.03 -15.61 -1.49
N HIS A 254 15.30 -15.49 -0.20
CA HIS A 254 15.19 -16.64 0.67
C HIS A 254 14.73 -16.30 2.05
N CYS A 255 14.04 -15.18 2.21
CA CYS A 255 13.49 -14.88 3.53
C CYS A 255 12.07 -14.44 3.51
N ILE A 256 11.34 -14.79 4.53
CA ILE A 256 10.03 -14.22 4.62
C ILE A 256 9.71 -13.75 5.99
N VAL A 257 9.46 -12.46 6.08
CA VAL A 257 9.02 -11.96 7.34
C VAL A 257 7.50 -11.93 7.40
N VAL A 258 6.89 -13.00 7.90
CA VAL A 258 5.49 -12.95 8.07
C VAL A 258 5.21 -12.18 9.32
N ASN A 259 4.38 -11.17 9.15
CA ASN A 259 4.29 -10.14 10.13
C ASN A 259 2.89 -9.90 10.62
N GLN A 260 2.82 -9.46 11.86
CA GLN A 260 1.57 -9.05 12.46
C GLN A 260 0.81 -10.22 13.03
N LEU A 261 1.52 -11.30 13.29
CA LEU A 261 0.90 -12.47 13.85
C LEU A 261 0.26 -12.12 15.13
N LEU A 262 -0.85 -12.78 15.40
CA LEU A 262 -1.52 -12.61 16.65
C LEU A 262 -1.38 -13.96 17.30
N PHE A 263 -0.66 -14.06 18.40
CA PHE A 263 -0.73 -15.28 19.19
C PHE A 263 -1.48 -14.77 20.35
N PRO A 264 -2.58 -15.46 20.72
CA PRO A 264 -3.25 -15.00 21.94
C PRO A 264 -2.32 -15.26 23.16
N LYS A 265 -2.33 -14.30 24.08
CA LYS A 265 -1.66 -14.51 25.33
C LYS A 265 -2.22 -15.80 25.91
N PRO A 266 -1.34 -16.63 26.43
CA PRO A 266 -1.70 -17.94 26.93
C PRO A 266 -2.57 -17.71 28.12
N GLY A 267 -3.55 -18.59 28.31
CA GLY A 267 -4.44 -18.56 29.47
C GLY A 267 -5.66 -17.71 29.21
N SER A 268 -5.62 -16.94 28.12
CA SER A 268 -6.73 -16.08 27.78
C SER A 268 -7.64 -16.86 26.90
N ASP A 269 -8.92 -16.91 27.28
CA ASP A 269 -9.94 -17.42 26.42
C ASP A 269 -10.56 -16.13 25.97
N CYS A 270 -10.73 -15.97 24.66
CA CYS A 270 -11.22 -14.71 24.12
C CYS A 270 -11.59 -14.94 22.68
N GLU A 271 -12.88 -15.20 22.46
CA GLU A 271 -13.36 -15.61 21.16
C GLU A 271 -12.50 -15.02 20.03
N GLN A 272 -12.53 -13.69 19.89
CA GLN A 272 -11.90 -13.02 18.76
C GLN A 272 -10.43 -13.40 18.59
N CYS A 273 -9.62 -13.25 19.62
CA CYS A 273 -8.23 -13.66 19.50
C CYS A 273 -8.13 -15.12 19.09
N THR A 274 -8.94 -15.98 19.68
CA THR A 274 -8.89 -17.41 19.36
C THR A 274 -9.12 -17.59 17.88
N ALA A 275 -10.34 -17.24 17.48
CA ALA A 275 -10.76 -17.29 16.09
C ALA A 275 -9.69 -16.78 15.13
N ARG A 276 -9.07 -15.65 15.47
CA ARG A 276 -8.13 -15.05 14.58
C ARG A 276 -6.89 -15.88 14.46
N ARG A 277 -6.37 -16.28 15.61
CA ARG A 277 -5.19 -17.08 15.65
C ARG A 277 -5.50 -18.29 14.84
N ARG A 278 -6.73 -18.77 14.93
CA ARG A 278 -7.16 -19.84 14.07
C ARG A 278 -6.95 -19.43 12.64
N MET A 279 -7.68 -18.42 12.20
CA MET A 279 -7.66 -18.01 10.79
C MET A 279 -6.27 -17.71 10.22
N GLN A 280 -5.41 -17.08 11.02
CA GLN A 280 -4.04 -16.75 10.60
C GLN A 280 -3.23 -18.03 10.51
N LYS A 281 -3.18 -18.74 11.65
CA LYS A 281 -2.55 -20.05 11.77
C LYS A 281 -2.64 -20.88 10.46
N LYS A 282 -3.88 -21.08 10.01
CA LYS A 282 -4.14 -21.75 8.75
C LYS A 282 -3.17 -21.34 7.64
N TYR A 283 -3.14 -20.05 7.35
CA TYR A 283 -2.20 -19.48 6.43
C TYR A 283 -0.75 -19.85 6.72
N LEU A 284 -0.30 -19.52 7.93
CA LEU A 284 1.06 -19.81 8.36
C LEU A 284 1.45 -21.23 8.07
N ASP A 285 0.75 -22.19 8.66
CA ASP A 285 1.03 -23.59 8.40
C ASP A 285 1.37 -23.82 6.96
N GLN A 286 0.57 -23.24 6.08
CA GLN A 286 0.86 -23.27 4.66
C GLN A 286 2.24 -22.70 4.36
N ILE A 287 2.38 -21.42 4.59
CA ILE A 287 3.62 -20.79 4.25
C ILE A 287 4.70 -21.75 4.59
N GLU A 288 4.66 -22.24 5.80
CA GLU A 288 5.67 -23.15 6.26
C GLU A 288 5.83 -24.34 5.36
N GLU A 289 4.75 -25.05 5.09
CA GLU A 289 4.88 -26.27 4.30
C GLU A 289 5.54 -25.97 3.00
N LEU A 290 5.00 -25.04 2.27
CA LEU A 290 5.61 -24.65 1.02
C LEU A 290 7.05 -24.22 1.12
N TYR A 291 7.34 -23.31 2.03
CA TYR A 291 8.65 -22.66 2.00
C TYR A 291 9.59 -23.02 3.14
N ASP A 292 9.11 -23.89 4.02
CA ASP A 292 9.92 -24.31 5.12
C ASP A 292 11.36 -24.59 4.76
N GLU A 293 11.53 -25.41 3.74
CA GLU A 293 12.78 -25.99 3.44
C GLU A 293 13.71 -25.06 2.80
N GLU A 294 13.28 -23.87 2.43
CA GLU A 294 14.24 -23.02 1.72
C GLU A 294 14.20 -21.51 1.98
N PHE A 295 13.31 -21.11 2.88
CA PHE A 295 13.22 -19.74 3.23
C PHE A 295 13.22 -19.70 4.71
N ASN A 296 14.06 -18.82 5.22
CA ASN A 296 13.92 -18.40 6.56
C ASN A 296 12.58 -17.72 6.62
N VAL A 297 11.68 -18.34 7.37
CA VAL A 297 10.32 -17.85 7.55
C VAL A 297 10.25 -17.23 8.91
N VAL A 298 10.37 -15.92 8.96
CA VAL A 298 10.43 -15.27 10.23
C VAL A 298 9.04 -14.87 10.66
N LYS A 299 8.81 -14.93 11.96
CA LYS A 299 7.50 -14.66 12.48
C LYS A 299 7.62 -13.52 13.45
N MET A 300 6.77 -12.51 13.29
CA MET A 300 6.83 -11.34 14.15
C MET A 300 5.48 -11.04 14.69
N PRO A 301 5.43 -10.72 15.99
CA PRO A 301 4.20 -10.47 16.72
C PRO A 301 3.61 -9.13 16.40
N LEU A 302 2.30 -9.02 16.50
CA LEU A 302 1.65 -7.79 16.20
C LEU A 302 1.60 -7.05 17.49
N LEU A 303 2.22 -5.88 17.53
CA LEU A 303 2.33 -5.18 18.79
C LEU A 303 1.15 -4.25 19.02
N VAL A 304 0.90 -3.94 20.28
CA VAL A 304 -0.18 -3.02 20.64
C VAL A 304 0.02 -1.68 19.96
N GLU A 305 1.19 -1.10 20.15
CA GLU A 305 1.43 0.25 19.69
C GLU A 305 2.10 0.30 18.31
N GLU A 306 2.01 1.42 17.61
CA GLU A 306 2.69 1.46 16.34
C GLU A 306 4.13 1.24 16.69
N VAL A 307 4.88 0.69 15.75
CA VAL A 307 6.34 0.60 15.87
C VAL A 307 7.08 1.84 15.34
N ARG A 308 7.29 2.84 16.21
CA ARG A 308 8.01 4.08 15.89
C ARG A 308 9.04 4.40 16.92
N GLY A 309 9.96 5.27 16.60
CA GLY A 309 10.98 5.57 17.58
C GLY A 309 12.13 4.60 17.49
N LYS A 310 13.33 5.10 17.68
CA LYS A 310 14.47 4.26 17.63
C LYS A 310 14.18 3.26 18.67
N GLU A 311 13.78 3.74 19.81
CA GLU A 311 13.66 2.81 20.89
C GLU A 311 12.77 1.67 20.48
N ARG A 312 11.53 1.95 20.09
CA ARG A 312 10.64 0.88 19.75
C ARG A 312 11.14 0.03 18.63
N LEU A 313 11.75 0.61 17.62
CA LEU A 313 12.21 -0.21 16.53
C LEU A 313 13.36 -1.12 16.95
N GLU A 314 14.24 -0.64 17.80
CA GLU A 314 15.30 -1.53 18.22
C GLU A 314 14.64 -2.78 18.73
N LYS A 315 13.83 -2.66 19.76
CA LYS A 315 13.19 -3.85 20.29
C LYS A 315 12.61 -4.72 19.20
N PHE A 316 11.60 -4.24 18.53
CA PHE A 316 11.01 -5.03 17.49
C PHE A 316 12.15 -5.75 16.78
N SER A 317 13.12 -5.02 16.24
CA SER A 317 14.10 -5.63 15.32
C SER A 317 14.75 -6.87 15.92
N GLU A 318 14.87 -6.90 17.25
CA GLU A 318 15.44 -8.06 17.94
C GLU A 318 14.80 -9.33 17.47
N MET A 319 13.48 -9.34 17.50
CA MET A 319 12.72 -10.52 17.17
C MET A 319 13.03 -11.01 15.78
N LEU A 320 13.43 -10.09 14.94
CA LEU A 320 13.82 -10.41 13.59
C LEU A 320 14.91 -11.44 13.67
N ILE A 321 15.76 -11.29 14.67
CA ILE A 321 16.97 -12.08 14.79
C ILE A 321 16.86 -13.27 15.73
N LYS A 322 16.05 -13.11 16.78
CA LYS A 322 15.78 -14.24 17.65
C LYS A 322 14.35 -14.42 18.02
N PRO A 323 13.80 -15.49 17.48
CA PRO A 323 12.40 -15.79 17.36
C PRO A 323 11.62 -15.42 18.61
N PHE A 324 10.60 -14.61 18.45
CA PHE A 324 9.62 -14.54 19.46
C PHE A 324 9.12 -15.97 19.42
N VAL A 325 9.18 -16.68 20.55
CA VAL A 325 8.55 -18.01 20.68
C VAL A 325 7.93 -18.14 22.06
N PRO A 326 6.68 -17.67 22.18
CA PRO A 326 5.91 -17.75 23.42
C PRO A 326 4.93 -18.91 23.30
N PRO A 327 4.67 -19.63 24.41
CA PRO A 327 3.81 -20.80 24.20
C PRO A 327 2.35 -20.46 24.44
N SER B 2 -21.77 17.79 13.70
CA SER B 2 -21.90 16.29 13.64
C SER B 2 -22.94 15.81 12.60
N MET B 3 -22.51 14.97 11.67
CA MET B 3 -23.43 14.44 10.66
C MET B 3 -23.62 12.95 10.86
N GLU B 4 -24.59 12.35 10.20
CA GLU B 4 -24.67 10.89 10.25
C GLU B 4 -23.30 10.25 10.04
N PRO B 5 -23.03 9.21 10.83
CA PRO B 5 -21.86 8.42 10.53
C PRO B 5 -22.25 7.38 9.46
N THR B 6 -22.66 7.84 8.28
CA THR B 6 -23.08 6.93 7.22
C THR B 6 -22.98 7.57 5.86
N LEU B 7 -22.82 6.70 4.87
CA LEU B 7 -22.74 7.14 3.49
C LEU B 7 -24.08 7.45 2.88
N GLN B 8 -25.14 7.37 3.67
CA GLN B 8 -26.50 7.61 3.18
C GLN B 8 -26.54 8.75 2.14
N SER B 9 -25.83 9.83 2.46
CA SER B 9 -25.71 11.04 1.66
C SER B 9 -25.23 10.86 0.24
N ILE B 10 -24.41 9.85 0.02
CA ILE B 10 -23.90 9.59 -1.30
C ILE B 10 -24.95 8.81 -2.00
N LEU B 11 -25.65 7.98 -1.23
CA LEU B 11 -26.78 7.30 -1.79
C LEU B 11 -27.75 8.38 -2.29
N ASP B 12 -28.03 9.34 -1.42
CA ASP B 12 -28.99 10.42 -1.75
C ASP B 12 -28.58 11.37 -2.90
N GLN B 13 -27.30 11.73 -2.98
CA GLN B 13 -26.83 12.68 -3.99
C GLN B 13 -26.77 12.20 -5.45
N ARG B 14 -27.91 12.20 -6.12
CA ARG B 14 -27.95 11.63 -7.47
C ARG B 14 -26.95 12.19 -8.47
N SER B 15 -26.61 13.47 -8.32
CA SER B 15 -25.74 14.15 -9.27
C SER B 15 -24.45 13.38 -9.53
N LEU B 16 -24.01 12.69 -8.49
CA LEU B 16 -22.74 12.03 -8.48
C LEU B 16 -22.47 11.20 -9.71
N ARG B 17 -21.30 11.41 -10.30
CA ARG B 17 -20.88 10.67 -11.47
C ARG B 17 -19.54 9.94 -11.21
N TRP B 18 -18.61 10.63 -10.56
CA TRP B 18 -17.29 10.06 -10.24
C TRP B 18 -17.02 10.03 -8.77
N ILE B 19 -17.22 8.87 -8.16
CA ILE B 19 -16.80 8.72 -6.78
C ILE B 19 -15.43 8.07 -6.66
N PHE B 20 -14.53 8.79 -6.02
CA PHE B 20 -13.17 8.34 -5.89
C PHE B 20 -12.85 7.88 -4.48
N VAL B 21 -12.26 6.69 -4.38
CA VAL B 21 -11.92 6.14 -3.09
C VAL B 21 -10.43 6.17 -2.94
N GLY B 22 -9.94 6.98 -2.00
CA GLY B 22 -8.49 7.11 -1.77
C GLY B 22 -8.08 6.81 -0.35
N GLY B 23 -6.78 6.69 -0.12
CA GLY B 23 -6.30 6.30 1.19
C GLY B 23 -4.99 5.60 1.01
N LYS B 24 -4.50 4.99 2.08
CA LYS B 24 -3.15 4.43 2.02
C LYS B 24 -3.17 2.95 1.70
N GLY B 25 -2.09 2.47 1.13
CA GLY B 25 -2.03 1.10 0.73
C GLY B 25 -2.50 0.10 1.77
N GLY B 26 -3.61 -0.56 1.47
CA GLY B 26 -4.12 -1.64 2.31
C GLY B 26 -4.94 -1.20 3.52
N VAL B 27 -5.32 0.06 3.57
CA VAL B 27 -6.22 0.51 4.61
C VAL B 27 -7.56 -0.07 4.28
N GLY B 28 -7.71 -0.57 3.06
CA GLY B 28 -8.93 -1.25 2.69
C GLY B 28 -9.66 -0.52 1.59
N LYS B 29 -8.93 0.27 0.84
CA LYS B 29 -9.55 0.96 -0.29
C LYS B 29 -10.47 0.04 -1.08
N THR B 30 -9.88 -0.91 -1.79
CA THR B 30 -10.65 -1.79 -2.65
C THR B 30 -11.96 -2.24 -1.95
N THR B 31 -11.81 -2.93 -0.83
CA THR B 31 -12.95 -3.43 -0.12
C THR B 31 -14.10 -2.42 -0.07
N THR B 32 -13.80 -1.15 0.14
CA THR B 32 -14.87 -0.16 0.18
C THR B 32 -15.49 0.03 -1.18
N SER B 33 -14.61 0.37 -2.13
CA SER B 33 -14.98 0.63 -3.51
C SER B 33 -16.09 -0.32 -3.86
N CYS B 34 -15.83 -1.60 -3.63
CA CYS B 34 -16.86 -2.60 -3.81
C CYS B 34 -18.12 -2.33 -3.00
N SER B 35 -18.00 -2.49 -1.69
CA SER B 35 -19.12 -2.26 -0.83
C SER B 35 -19.92 -1.07 -1.33
N LEU B 36 -19.24 0.04 -1.60
CA LEU B 36 -19.94 1.24 -2.00
C LEU B 36 -20.77 1.05 -3.28
N ALA B 37 -20.12 0.46 -4.29
CA ALA B 37 -20.77 0.17 -5.55
C ALA B 37 -21.99 -0.69 -5.30
N ILE B 38 -21.74 -1.82 -4.65
CA ILE B 38 -22.79 -2.74 -4.29
C ILE B 38 -23.96 -1.96 -3.77
N GLN B 39 -23.68 -0.96 -2.93
CA GLN B 39 -24.74 -0.23 -2.28
C GLN B 39 -25.43 0.77 -3.19
N LEU B 40 -24.65 1.41 -4.04
CA LEU B 40 -25.21 2.29 -5.02
C LEU B 40 -25.94 1.49 -6.04
N ALA B 41 -25.35 0.39 -6.42
CA ALA B 41 -25.96 -0.47 -7.42
C ALA B 41 -27.41 -0.80 -7.04
N LYS B 42 -27.73 -0.71 -5.77
CA LYS B 42 -29.05 -1.09 -5.35
C LYS B 42 -30.03 0.02 -5.69
N VAL B 43 -29.53 1.25 -5.79
CA VAL B 43 -30.36 2.44 -5.97
C VAL B 43 -29.87 3.40 -7.06
N ARG B 44 -29.45 2.86 -8.19
CA ARG B 44 -29.11 3.67 -9.34
C ARG B 44 -29.47 2.78 -10.50
N ARG B 45 -29.44 3.33 -11.71
CA ARG B 45 -29.75 2.50 -12.86
C ARG B 45 -28.62 1.51 -13.10
N SER B 46 -27.38 1.98 -13.00
CA SER B 46 -26.20 1.15 -13.23
C SER B 46 -24.96 1.80 -12.66
N VAL B 47 -24.01 0.99 -12.21
CA VAL B 47 -22.81 1.53 -11.59
C VAL B 47 -21.57 0.83 -12.10
N LEU B 48 -20.61 1.60 -12.56
CA LEU B 48 -19.40 0.99 -13.03
C LEU B 48 -18.29 1.11 -12.01
N LEU B 49 -17.74 -0.04 -11.68
CA LEU B 49 -16.67 -0.13 -10.72
C LEU B 49 -15.37 -0.29 -11.49
N LEU B 50 -14.43 0.59 -11.25
CA LEU B 50 -13.29 0.67 -12.14
C LEU B 50 -11.98 0.79 -11.41
N SER B 51 -11.14 -0.23 -11.57
CA SER B 51 -9.83 -0.24 -10.96
C SER B 51 -8.70 0.18 -11.91
N THR B 52 -7.78 0.97 -11.38
CA THR B 52 -6.68 1.48 -12.16
C THR B 52 -5.42 1.00 -11.53
N ASP B 53 -5.56 0.66 -10.27
CA ASP B 53 -4.44 0.10 -9.59
C ASP B 53 -3.80 -0.96 -10.50
N PRO B 54 -2.49 -0.84 -10.67
CA PRO B 54 -1.72 -1.73 -11.50
C PRO B 54 -1.90 -3.19 -11.12
N ALA B 55 -2.05 -3.45 -9.82
CA ALA B 55 -2.37 -4.76 -9.32
C ALA B 55 -3.84 -4.63 -9.09
N HIS B 56 -4.64 -5.43 -9.73
CA HIS B 56 -6.05 -5.28 -9.49
C HIS B 56 -6.64 -6.34 -8.61
N ASN B 57 -7.48 -5.89 -7.72
CA ASN B 57 -8.01 -6.77 -6.72
C ASN B 57 -9.51 -6.81 -6.77
N LEU B 58 -10.08 -6.15 -7.78
CA LEU B 58 -11.50 -6.27 -7.97
C LEU B 58 -11.80 -7.73 -8.12
N SER B 59 -11.14 -8.31 -9.10
CA SER B 59 -11.34 -9.69 -9.40
C SER B 59 -11.20 -10.50 -8.15
N ASP B 60 -10.04 -10.39 -7.51
CA ASP B 60 -9.77 -11.22 -6.35
C ASP B 60 -10.82 -11.05 -5.29
N ALA B 61 -11.30 -9.82 -5.16
CA ALA B 61 -12.25 -9.49 -4.13
C ALA B 61 -13.54 -10.17 -4.43
N PHE B 62 -13.89 -10.25 -5.69
CA PHE B 62 -15.14 -10.87 -6.07
C PHE B 62 -15.00 -12.30 -6.51
N SER B 63 -13.79 -12.79 -6.55
CA SER B 63 -13.57 -14.10 -7.12
C SER B 63 -14.13 -14.11 -8.54
N GLN B 64 -13.51 -13.38 -9.43
CA GLN B 64 -14.10 -13.23 -10.72
C GLN B 64 -13.12 -12.50 -11.65
N LYS B 65 -12.75 -13.19 -12.71
CA LYS B 65 -11.85 -12.67 -13.72
C LYS B 65 -12.51 -11.38 -14.31
N PHE B 66 -11.77 -10.26 -14.30
CA PHE B 66 -12.25 -8.98 -14.87
C PHE B 66 -11.24 -8.38 -15.84
N GLY B 67 -11.73 -7.72 -16.88
CA GLY B 67 -10.82 -7.13 -17.87
C GLY B 67 -11.00 -5.65 -18.18
N LYS B 68 -10.29 -5.20 -19.22
CA LYS B 68 -10.44 -3.83 -19.68
C LYS B 68 -11.75 -3.78 -20.40
N GLU B 69 -12.44 -4.90 -20.40
CA GLU B 69 -13.75 -4.94 -20.93
C GLU B 69 -14.75 -4.90 -19.79
N ALA B 70 -15.69 -3.98 -19.85
CA ALA B 70 -16.73 -3.94 -18.84
C ALA B 70 -17.35 -5.32 -18.72
N ARG B 71 -18.05 -5.57 -17.61
CA ARG B 71 -18.94 -6.73 -17.53
C ARG B 71 -19.82 -6.77 -16.28
N LEU B 72 -20.85 -7.60 -16.33
CA LEU B 72 -21.79 -7.64 -15.25
C LEU B 72 -21.12 -8.37 -14.13
N VAL B 73 -21.37 -7.94 -12.91
CA VAL B 73 -20.82 -8.64 -11.78
C VAL B 73 -21.71 -9.79 -11.46
N GLU B 74 -21.12 -10.96 -11.31
CA GLU B 74 -21.89 -12.14 -11.01
C GLU B 74 -22.77 -11.96 -9.77
N GLY B 75 -24.04 -12.25 -9.91
CA GLY B 75 -24.93 -12.16 -8.77
C GLY B 75 -25.63 -10.83 -8.79
N PHE B 76 -25.39 -10.07 -9.86
CA PHE B 76 -26.06 -8.77 -10.07
C PHE B 76 -26.51 -8.67 -11.51
N ASP B 77 -27.35 -7.69 -11.80
CA ASP B 77 -27.80 -7.47 -13.18
C ASP B 77 -27.48 -6.02 -13.46
N ASN B 78 -26.92 -5.40 -12.44
CA ASN B 78 -26.97 -3.97 -12.35
C ASN B 78 -25.60 -3.34 -12.37
N LEU B 79 -24.65 -4.06 -11.79
CA LEU B 79 -23.37 -3.52 -11.41
C LEU B 79 -22.25 -4.10 -12.26
N TYR B 80 -21.34 -3.23 -12.68
CA TYR B 80 -20.31 -3.64 -13.60
C TYR B 80 -18.96 -3.31 -13.05
N ALA B 81 -17.99 -4.14 -13.38
CA ALA B 81 -16.62 -3.88 -12.99
C ALA B 81 -15.60 -4.12 -14.11
N MET B 82 -14.53 -3.35 -14.09
CA MET B 82 -13.46 -3.55 -15.05
C MET B 82 -12.13 -2.98 -14.55
N GLU B 83 -11.07 -3.65 -14.97
CA GLU B 83 -9.74 -3.36 -14.47
C GLU B 83 -8.83 -3.11 -15.65
N ILE B 84 -8.23 -1.92 -15.69
CA ILE B 84 -7.32 -1.55 -16.78
C ILE B 84 -6.09 -0.86 -16.21
N ASP B 85 -5.16 -0.52 -17.09
CA ASP B 85 -4.04 0.38 -16.75
C ASP B 85 -3.74 1.30 -17.95
N PRO B 86 -3.82 2.63 -17.73
CA PRO B 86 -3.54 3.61 -18.78
C PRO B 86 -2.94 2.98 -20.04
N ILE B 121 7.12 13.40 -16.18
CA ILE B 121 6.22 14.39 -16.79
C ILE B 121 4.82 13.87 -17.25
N ASP B 122 4.71 12.71 -17.90
CA ASP B 122 3.42 12.45 -18.60
C ASP B 122 2.75 11.07 -18.63
N GLU B 123 2.48 10.50 -17.47
CA GLU B 123 1.69 9.27 -17.37
C GLU B 123 0.24 9.66 -17.27
N ALA B 124 0.02 10.81 -16.67
CA ALA B 124 -1.30 11.35 -16.43
C ALA B 124 -2.13 11.56 -17.70
N MET B 125 -1.47 11.52 -18.85
CA MET B 125 -2.18 11.77 -20.09
C MET B 125 -3.07 10.60 -20.54
N SER B 126 -2.57 9.39 -20.35
CA SER B 126 -3.35 8.20 -20.65
C SER B 126 -4.56 8.08 -19.73
N PHE B 127 -4.39 8.52 -18.50
CA PHE B 127 -5.48 8.51 -17.55
C PHE B 127 -6.61 9.44 -17.97
N ALA B 128 -6.23 10.65 -18.37
CA ALA B 128 -7.22 11.59 -18.82
C ALA B 128 -8.10 10.95 -19.88
N GLU B 129 -7.47 10.28 -20.82
CA GLU B 129 -8.23 9.70 -21.91
C GLU B 129 -9.31 8.74 -21.42
N VAL B 130 -8.95 7.85 -20.49
CA VAL B 130 -9.93 6.89 -19.96
C VAL B 130 -11.16 7.55 -19.37
N LEU B 131 -10.92 8.48 -18.45
CA LEU B 131 -12.05 9.15 -17.82
C LEU B 131 -12.91 9.76 -18.91
N LYS B 132 -12.29 10.54 -19.78
CA LYS B 132 -13.03 11.18 -20.83
C LYS B 132 -14.02 10.23 -21.46
N GLN B 133 -13.51 9.18 -22.09
CA GLN B 133 -14.37 8.33 -22.88
C GLN B 133 -15.39 7.69 -21.99
N VAL B 134 -14.91 7.21 -20.85
CA VAL B 134 -15.79 6.57 -19.91
C VAL B 134 -16.88 7.53 -19.51
N ASN B 135 -16.47 8.71 -19.06
CA ASN B 135 -17.42 9.67 -18.54
C ASN B 135 -18.68 9.78 -19.38
N SER B 136 -18.52 9.81 -20.69
CA SER B 136 -19.68 9.88 -21.54
C SER B 136 -20.06 8.46 -21.95
N LEU B 137 -20.10 7.56 -20.98
CA LEU B 137 -20.66 6.23 -21.15
C LEU B 137 -22.00 6.11 -20.46
N SER B 138 -22.73 5.07 -20.86
CA SER B 138 -24.11 4.95 -20.51
C SER B 138 -24.30 4.50 -19.05
N TYR B 139 -23.19 4.43 -18.29
CA TYR B 139 -23.21 4.11 -16.84
C TYR B 139 -23.62 5.34 -16.04
N GLU B 140 -24.46 5.17 -15.01
CA GLU B 140 -24.95 6.33 -14.26
C GLU B 140 -23.90 6.86 -13.29
N THR B 141 -23.35 5.95 -12.51
CA THR B 141 -22.35 6.38 -11.58
C THR B 141 -21.13 5.48 -11.63
N ILE B 142 -19.98 6.12 -11.50
CA ILE B 142 -18.72 5.39 -11.44
C ILE B 142 -18.02 5.48 -10.07
N VAL B 143 -17.58 4.33 -9.59
CA VAL B 143 -16.73 4.32 -8.43
C VAL B 143 -15.35 3.85 -8.86
N PHE B 144 -14.38 4.73 -8.67
CA PHE B 144 -13.04 4.52 -9.18
C PHE B 144 -12.19 3.95 -8.06
N ASP B 145 -11.29 3.00 -8.38
CA ASP B 145 -10.33 2.46 -7.42
C ASP B 145 -8.99 2.81 -8.01
N THR B 146 -8.01 3.25 -7.22
CA THR B 146 -6.70 3.48 -7.89
C THR B 146 -5.41 3.57 -7.11
N ALA B 147 -4.34 3.65 -7.88
CA ALA B 147 -3.02 3.76 -7.35
C ALA B 147 -2.99 4.90 -6.37
N PRO B 148 -2.37 4.66 -5.25
CA PRO B 148 -2.47 5.22 -3.91
C PRO B 148 -2.47 6.73 -3.90
N THR B 149 -2.78 7.33 -2.76
CA THR B 149 -2.89 8.76 -2.77
C THR B 149 -1.83 9.30 -3.70
N GLY B 150 -0.72 8.60 -3.83
CA GLY B 150 0.38 9.13 -4.62
C GLY B 150 0.03 9.57 -6.04
N HIS B 151 -0.31 8.62 -6.91
CA HIS B 151 -0.64 8.95 -8.29
C HIS B 151 -1.80 9.89 -8.30
N THR B 152 -2.82 9.55 -7.54
CA THR B 152 -3.96 10.44 -7.47
C THR B 152 -3.42 11.85 -7.33
N LEU B 153 -2.54 12.05 -6.37
CA LEU B 153 -2.03 13.38 -6.12
C LEU B 153 -1.38 14.00 -7.38
N ARG B 154 -0.28 13.41 -7.84
CA ARG B 154 0.47 14.06 -8.90
C ARG B 154 -0.48 14.47 -9.99
N PHE B 155 -1.42 13.60 -10.30
CA PHE B 155 -2.32 13.87 -11.38
C PHE B 155 -3.08 15.17 -11.21
N LEU B 156 -3.75 15.33 -10.08
CA LEU B 156 -4.51 16.55 -9.90
C LEU B 156 -3.63 17.74 -10.16
N GLN B 157 -2.44 17.70 -9.58
CA GLN B 157 -1.50 18.81 -9.68
C GLN B 157 -1.30 19.27 -11.12
N PHE B 158 -1.04 18.30 -11.98
CA PHE B 158 -0.86 18.43 -13.43
C PHE B 158 -1.40 19.71 -14.17
N PRO B 159 -2.73 19.80 -14.30
CA PRO B 159 -3.28 20.89 -15.09
C PRO B 159 -2.51 22.16 -14.85
N THR B 160 -2.48 22.54 -13.59
CA THR B 160 -1.77 23.72 -13.20
C THR B 160 -0.34 23.63 -13.70
N VAL B 161 0.18 22.41 -13.81
CA VAL B 161 1.53 22.29 -14.29
C VAL B 161 1.68 22.96 -15.66
N LEU B 162 0.91 22.54 -16.66
CA LEU B 162 1.06 23.10 -18.01
C LEU B 162 0.69 24.58 -18.01
N GLU B 163 -0.22 24.94 -17.14
CA GLU B 163 -0.48 26.34 -17.01
C GLU B 163 -1.47 26.70 -18.10
N MET B 200 0.41 21.40 -33.14
CA MET B 200 0.27 22.75 -32.61
C MET B 200 -1.12 22.94 -31.99
N GLU B 201 -2.14 23.00 -32.84
CA GLU B 201 -3.50 23.10 -32.36
C GLU B 201 -3.86 21.88 -31.52
N LYS B 202 -3.04 20.84 -31.60
CA LYS B 202 -3.23 19.64 -30.80
C LYS B 202 -2.75 19.93 -29.39
N LEU B 203 -1.85 20.89 -29.28
CA LEU B 203 -1.44 21.40 -27.99
C LEU B 203 -2.71 21.92 -27.34
N ASP B 204 -3.37 22.89 -28.00
CA ASP B 204 -4.63 23.42 -27.51
C ASP B 204 -5.71 22.34 -27.38
N SER B 205 -5.69 21.34 -28.26
CA SER B 205 -6.69 20.26 -28.22
C SER B 205 -6.59 19.49 -26.91
N LEU B 206 -5.37 19.13 -26.53
CA LEU B 206 -5.15 18.48 -25.25
C LEU B 206 -5.59 19.39 -24.11
N ARG B 207 -5.08 20.61 -24.19
CA ARG B 207 -5.37 21.61 -23.18
C ARG B 207 -6.86 21.56 -22.92
N VAL B 208 -7.60 21.74 -24.00
CA VAL B 208 -9.05 21.85 -23.94
C VAL B 208 -9.59 20.78 -23.03
N THR B 209 -9.41 19.54 -23.48
CA THR B 209 -9.99 18.45 -22.74
C THR B 209 -9.56 18.44 -21.28
N ILE B 210 -8.25 18.51 -21.00
CA ILE B 210 -7.87 18.53 -19.60
C ILE B 210 -8.73 19.51 -18.88
N SER B 211 -8.78 20.71 -19.43
CA SER B 211 -9.48 21.78 -18.78
C SER B 211 -10.86 21.29 -18.48
N GLU B 212 -11.52 20.72 -19.46
CA GLU B 212 -12.87 20.28 -19.17
C GLU B 212 -12.81 19.35 -17.98
N VAL B 213 -11.93 18.35 -18.04
CA VAL B 213 -11.97 17.30 -17.07
C VAL B 213 -11.80 17.87 -15.69
N ASN B 214 -10.88 18.80 -15.59
CA ASN B 214 -10.58 19.41 -14.32
C ASN B 214 -11.80 20.07 -13.73
N ALA B 215 -12.56 20.78 -14.56
CA ALA B 215 -13.77 21.47 -14.12
C ALA B 215 -14.73 20.47 -13.54
N GLN B 216 -14.85 19.33 -14.20
CA GLN B 216 -15.74 18.27 -13.70
C GLN B 216 -15.30 18.02 -12.32
N PHE B 217 -14.01 17.88 -12.19
CA PHE B 217 -13.52 17.61 -10.90
C PHE B 217 -13.97 18.64 -9.91
N LYS B 218 -13.77 19.92 -10.20
CA LYS B 218 -14.16 20.94 -9.22
C LYS B 218 -15.66 21.02 -9.00
N ASP B 219 -16.45 20.84 -10.06
CA ASP B 219 -17.85 20.74 -9.84
C ASP B 219 -18.08 19.68 -8.77
N GLU B 220 -18.65 20.05 -7.63
CA GLU B 220 -18.89 19.02 -6.60
C GLU B 220 -20.29 18.41 -6.64
N ARG B 221 -20.94 18.48 -7.79
CA ARG B 221 -22.18 17.75 -7.99
C ARG B 221 -21.80 16.43 -8.60
N LEU B 222 -20.60 16.42 -9.19
CA LEU B 222 -20.18 15.33 -10.08
C LEU B 222 -19.09 14.42 -9.47
N THR B 223 -18.36 14.95 -8.49
CA THR B 223 -17.17 14.28 -8.06
C THR B 223 -16.87 14.54 -6.59
N THR B 224 -16.74 13.47 -5.80
CA THR B 224 -16.19 13.56 -4.43
C THR B 224 -15.15 12.52 -4.28
N PHE B 225 -14.51 12.59 -3.14
CA PHE B 225 -13.65 11.53 -2.66
C PHE B 225 -14.22 10.97 -1.38
N VAL B 226 -14.00 9.66 -1.19
CA VAL B 226 -14.20 9.04 0.11
C VAL B 226 -12.82 8.77 0.65
N CYS B 227 -12.61 8.94 1.95
CA CYS B 227 -11.29 8.67 2.49
C CYS B 227 -11.29 7.44 3.32
N VAL B 228 -10.50 6.47 2.92
CA VAL B 228 -10.42 5.28 3.71
C VAL B 228 -9.18 5.37 4.56
N CYS B 229 -9.25 4.75 5.72
CA CYS B 229 -8.12 4.76 6.61
C CYS B 229 -8.43 3.94 7.81
N ILE B 230 -7.36 3.60 8.52
CA ILE B 230 -7.47 2.85 9.73
C ILE B 230 -6.76 3.63 10.83
N PRO B 231 -7.03 3.31 12.11
CA PRO B 231 -6.47 4.07 13.17
C PRO B 231 -5.02 3.69 13.37
N GLU B 232 -4.12 4.53 12.91
CA GLU B 232 -2.73 4.28 13.10
C GLU B 232 -1.98 5.40 12.44
N PHE B 233 -0.82 5.74 12.99
CA PHE B 233 -0.20 7.00 12.66
C PHE B 233 -0.17 7.25 11.18
N LEU B 234 0.55 6.41 10.47
CA LEU B 234 0.84 6.66 9.10
C LEU B 234 -0.38 6.79 8.21
N SER B 235 -1.51 6.16 8.51
CA SER B 235 -2.65 6.28 7.59
C SER B 235 -3.33 7.61 7.73
N LEU B 236 -3.70 7.96 8.94
CA LEU B 236 -4.42 9.18 9.19
C LEU B 236 -3.61 10.35 8.71
N TYR B 237 -2.30 10.18 8.69
CA TYR B 237 -1.48 11.28 8.28
C TYR B 237 -1.63 11.58 6.79
N GLU B 238 -2.03 10.57 6.04
CA GLU B 238 -2.31 10.76 4.65
C GLU B 238 -3.66 11.44 4.51
N THR B 239 -4.67 10.75 5.02
CA THR B 239 -6.00 11.27 5.04
C THR B 239 -6.01 12.72 5.36
N GLU B 240 -5.07 13.14 6.18
CA GLU B 240 -4.99 14.54 6.44
C GLU B 240 -4.50 15.23 5.20
N ARG B 241 -3.24 15.02 4.87
CA ARG B 241 -2.69 15.73 3.74
C ARG B 241 -3.68 15.65 2.59
N MET B 242 -4.07 14.45 2.24
CA MET B 242 -5.01 14.24 1.18
C MET B 242 -6.20 15.24 1.26
N ILE B 243 -7.04 15.10 2.28
CA ILE B 243 -8.19 16.01 2.44
C ILE B 243 -7.79 17.42 2.10
N GLN B 244 -6.59 17.74 2.52
CA GLN B 244 -6.05 19.07 2.47
C GLN B 244 -5.69 19.53 1.04
N GLU B 245 -5.04 18.66 0.26
CA GLU B 245 -4.76 18.98 -1.13
C GLU B 245 -6.07 19.05 -1.90
N LEU B 246 -7.01 18.19 -1.49
CA LEU B 246 -8.33 18.16 -2.08
C LEU B 246 -9.00 19.51 -1.89
N ALA B 247 -8.82 20.05 -0.70
CA ALA B 247 -9.16 21.42 -0.45
C ALA B 247 -8.37 22.36 -1.36
N ASN B 248 -7.05 22.25 -1.39
CA ASN B 248 -6.27 23.18 -2.21
C ASN B 248 -6.60 23.21 -3.69
N TYR B 249 -7.01 22.08 -4.23
CA TYR B 249 -7.32 21.96 -5.65
C TYR B 249 -8.78 22.18 -5.96
N GLY B 250 -9.55 22.54 -4.94
CA GLY B 250 -10.94 22.93 -5.11
C GLY B 250 -11.82 21.75 -5.43
N ILE B 251 -11.43 20.59 -4.90
CA ILE B 251 -12.21 19.38 -5.09
C ILE B 251 -12.90 18.96 -3.81
N ASP B 252 -14.12 18.46 -3.95
CA ASP B 252 -14.96 18.18 -2.80
C ASP B 252 -14.57 16.90 -2.13
N THR B 253 -14.68 16.86 -0.81
CA THR B 253 -14.67 15.55 -0.15
C THR B 253 -15.16 15.60 1.28
N HIS B 254 -16.17 14.79 1.61
CA HIS B 254 -16.82 14.92 2.93
C HIS B 254 -17.14 13.60 3.68
N CYS B 255 -16.41 12.54 3.38
CA CYS B 255 -16.65 11.28 4.05
C CYS B 255 -15.40 10.63 4.47
N ILE B 256 -15.46 9.98 5.61
CA ILE B 256 -14.32 9.21 5.96
C ILE B 256 -14.74 7.89 6.48
N VAL B 257 -14.25 6.86 5.81
CA VAL B 257 -14.50 5.50 6.24
C VAL B 257 -13.32 5.08 7.06
N VAL B 258 -13.48 5.20 8.37
CA VAL B 258 -12.47 4.69 9.26
C VAL B 258 -12.76 3.23 9.48
N ASN B 259 -11.77 2.42 9.18
CA ASN B 259 -12.03 1.04 9.00
C ASN B 259 -11.16 0.12 9.85
N GLN B 260 -11.69 -1.06 10.15
CA GLN B 260 -10.94 -2.11 10.81
C GLN B 260 -10.94 -1.88 12.28
N LEU B 261 -11.92 -1.10 12.74
CA LEU B 261 -12.05 -0.83 14.16
C LEU B 261 -12.16 -2.14 14.86
N LEU B 262 -11.58 -2.16 16.05
CA LEU B 262 -11.75 -3.28 16.88
C LEU B 262 -12.65 -2.80 18.00
N PHE B 263 -13.84 -3.36 18.09
CA PHE B 263 -14.56 -3.18 19.33
C PHE B 263 -14.43 -4.53 19.99
N PRO B 264 -14.00 -4.57 21.25
CA PRO B 264 -13.98 -5.87 21.87
C PRO B 264 -15.40 -6.27 22.06
N LYS B 265 -15.70 -7.56 21.92
CA LYS B 265 -17.05 -8.01 22.22
C LYS B 265 -17.34 -7.69 23.66
N PRO B 266 -18.50 -7.10 23.91
CA PRO B 266 -18.87 -6.70 25.26
C PRO B 266 -18.87 -7.91 26.18
N GLY B 267 -18.55 -7.67 27.45
CA GLY B 267 -18.57 -8.73 28.46
C GLY B 267 -17.24 -9.44 28.55
N SER B 268 -16.36 -9.17 27.57
CA SER B 268 -15.04 -9.79 27.58
C SER B 268 -14.01 -8.87 28.19
N ASP B 269 -13.17 -9.46 29.04
CA ASP B 269 -12.01 -8.80 29.52
C ASP B 269 -10.96 -9.58 28.75
N CYS B 270 -10.09 -8.89 28.05
CA CYS B 270 -9.07 -9.51 27.23
C CYS B 270 -8.02 -8.44 26.98
N GLU B 271 -6.95 -8.56 27.74
CA GLU B 271 -5.92 -7.55 27.72
C GLU B 271 -5.86 -6.96 26.33
N GLN B 272 -5.41 -7.79 25.38
CA GLN B 272 -5.08 -7.29 24.04
C GLN B 272 -6.21 -6.49 23.40
N CYS B 273 -7.37 -7.10 23.24
CA CYS B 273 -8.50 -6.33 22.74
C CYS B 273 -8.76 -5.02 23.49
N THR B 274 -8.73 -5.07 24.82
CA THR B 274 -8.94 -3.86 25.60
C THR B 274 -7.91 -2.84 25.18
N ALA B 275 -6.67 -3.19 25.40
CA ALA B 275 -5.56 -2.30 25.14
C ALA B 275 -5.68 -1.63 23.78
N ARG B 276 -6.15 -2.42 22.81
CA ARG B 276 -6.18 -1.98 21.42
C ARG B 276 -7.26 -0.98 21.15
N ARG B 277 -8.45 -1.36 21.60
CA ARG B 277 -9.61 -0.51 21.52
C ARG B 277 -9.23 0.80 22.17
N ARG B 278 -8.42 0.70 23.23
CA ARG B 278 -7.85 1.87 23.85
C ARG B 278 -7.11 2.64 22.79
N MET B 279 -5.99 2.07 22.36
CA MET B 279 -5.11 2.75 21.45
C MET B 279 -5.85 3.32 20.23
N GLN B 280 -6.76 2.54 19.64
CA GLN B 280 -7.52 3.01 18.47
C GLN B 280 -8.47 4.14 18.88
N LYS B 281 -9.35 3.81 19.82
CA LYS B 281 -10.26 4.77 20.41
C LYS B 281 -9.60 6.13 20.36
N LYS B 282 -8.42 6.26 20.99
CA LYS B 282 -7.66 7.54 21.04
C LYS B 282 -7.67 8.28 19.72
N TYR B 283 -7.20 7.62 18.67
CA TYR B 283 -7.26 8.18 17.32
C TYR B 283 -8.66 8.65 16.97
N LEU B 284 -9.59 7.73 17.06
CA LEU B 284 -10.97 7.97 16.67
C LEU B 284 -11.49 9.29 17.24
N ASP B 285 -11.60 9.34 18.56
CA ASP B 285 -11.98 10.56 19.23
C ASP B 285 -11.49 11.76 18.44
N GLN B 286 -10.19 11.78 18.15
CA GLN B 286 -9.62 12.86 17.36
C GLN B 286 -10.36 13.06 16.08
N ILE B 287 -10.26 12.05 15.24
CA ILE B 287 -10.88 12.14 13.95
C ILE B 287 -12.17 12.91 14.06
N GLU B 288 -13.00 12.42 14.97
CA GLU B 288 -14.29 13.00 15.29
C GLU B 288 -14.18 14.50 15.56
N GLU B 289 -13.44 14.83 16.62
CA GLU B 289 -13.33 16.19 17.07
C GLU B 289 -12.92 17.05 15.90
N LEU B 290 -11.92 16.61 15.17
CA LEU B 290 -11.53 17.36 13.99
C LEU B 290 -12.66 17.53 12.98
N TYR B 291 -13.28 16.41 12.62
CA TYR B 291 -14.04 16.35 11.38
C TYR B 291 -15.51 16.11 11.59
N ASP B 292 -15.86 15.94 12.85
CA ASP B 292 -17.20 15.65 13.22
C ASP B 292 -18.22 16.44 12.40
N GLU B 293 -18.00 17.75 12.41
CA GLU B 293 -18.98 18.69 11.90
C GLU B 293 -19.08 18.76 10.41
N GLU B 294 -18.21 18.10 9.68
CA GLU B 294 -18.30 18.28 8.25
C GLU B 294 -18.01 17.05 7.43
N PHE B 295 -17.68 15.95 8.09
CA PHE B 295 -17.47 14.71 7.40
C PHE B 295 -18.30 13.66 8.01
N ASN B 296 -19.10 13.03 7.19
CA ASN B 296 -19.63 11.78 7.60
C ASN B 296 -18.43 10.91 7.93
N VAL B 297 -18.34 10.55 9.21
CA VAL B 297 -17.23 9.77 9.64
C VAL B 297 -17.72 8.39 9.95
N VAL B 298 -17.61 7.50 8.98
CA VAL B 298 -18.17 6.17 9.11
C VAL B 298 -17.22 5.21 9.78
N LYS B 299 -17.81 4.35 10.60
CA LYS B 299 -17.03 3.41 11.39
C LYS B 299 -17.34 1.96 11.00
N MET B 300 -16.33 1.19 10.59
CA MET B 300 -16.56 -0.18 10.15
C MET B 300 -15.71 -1.11 10.96
N PRO B 301 -16.29 -2.24 11.37
CA PRO B 301 -15.68 -3.24 12.24
C PRO B 301 -14.71 -4.11 11.50
N LEU B 302 -13.66 -4.47 12.20
CA LEU B 302 -12.69 -5.35 11.63
C LEU B 302 -13.16 -6.79 11.77
N LEU B 303 -13.49 -7.42 10.65
CA LEU B 303 -14.04 -8.78 10.70
C LEU B 303 -12.98 -9.88 10.86
N VAL B 304 -13.38 -11.02 11.40
CA VAL B 304 -12.45 -12.11 11.57
C VAL B 304 -11.88 -12.53 10.24
N GLU B 305 -12.75 -12.68 9.26
CA GLU B 305 -12.32 -13.23 7.99
C GLU B 305 -12.08 -12.13 6.96
N GLU B 306 -11.27 -12.40 5.94
CA GLU B 306 -11.21 -11.42 4.88
C GLU B 306 -12.62 -11.14 4.41
N VAL B 307 -12.82 -9.94 3.89
CA VAL B 307 -14.05 -9.59 3.18
C VAL B 307 -14.00 -9.87 1.66
N ARG B 308 -14.44 -11.06 1.29
CA ARG B 308 -14.49 -11.54 -0.10
C ARG B 308 -15.83 -12.24 -0.43
N GLY B 309 -16.08 -12.38 -1.73
CA GLY B 309 -17.31 -12.99 -2.16
C GLY B 309 -18.40 -11.96 -2.22
N LYS B 310 -19.28 -12.10 -3.19
CA LYS B 310 -20.38 -11.16 -3.26
C LYS B 310 -21.02 -11.24 -1.90
N GLU B 311 -21.15 -12.44 -1.37
CA GLU B 311 -21.90 -12.51 -0.17
C GLU B 311 -21.30 -11.71 0.93
N ARG B 312 -20.06 -12.02 1.26
CA ARG B 312 -19.49 -11.31 2.36
C ARG B 312 -19.52 -9.80 2.11
N LEU B 313 -19.25 -9.36 0.88
CA LEU B 313 -19.19 -7.93 0.62
C LEU B 313 -20.53 -7.20 0.74
N GLU B 314 -21.59 -7.82 0.26
CA GLU B 314 -22.87 -7.21 0.44
C GLU B 314 -22.93 -6.89 1.90
N LYS B 315 -22.78 -7.92 2.73
CA LYS B 315 -22.89 -7.71 4.17
C LYS B 315 -22.06 -6.56 4.70
N PHE B 316 -20.77 -6.58 4.44
CA PHE B 316 -19.95 -5.52 4.97
C PHE B 316 -20.58 -4.22 4.57
N SER B 317 -20.92 -4.14 3.28
CA SER B 317 -21.41 -2.89 2.68
C SER B 317 -22.64 -2.30 3.40
N GLU B 318 -23.44 -3.17 4.00
CA GLU B 318 -24.55 -2.68 4.78
C GLU B 318 -24.10 -1.64 5.76
N MET B 319 -23.09 -2.01 6.54
CA MET B 319 -22.63 -1.18 7.62
C MET B 319 -22.28 0.19 7.12
N LEU B 320 -21.73 0.24 5.92
CA LEU B 320 -21.37 1.48 5.33
C LEU B 320 -22.54 2.44 5.44
N ILE B 321 -23.72 1.84 5.35
CA ILE B 321 -24.96 2.59 5.24
C ILE B 321 -25.76 2.68 6.52
N LYS B 322 -25.71 1.63 7.33
CA LYS B 322 -26.22 1.79 8.68
C LYS B 322 -25.32 1.26 9.73
N PRO B 323 -24.81 2.21 10.53
CA PRO B 323 -23.77 2.14 11.53
C PRO B 323 -23.87 0.87 12.32
N PHE B 324 -22.79 0.13 12.29
CA PHE B 324 -22.58 -0.88 13.26
C PHE B 324 -22.57 -0.05 14.51
N VAL B 325 -23.45 -0.33 15.45
CA VAL B 325 -23.32 0.32 16.73
C VAL B 325 -23.62 -0.76 17.75
N PRO B 326 -22.58 -1.45 18.27
CA PRO B 326 -22.74 -2.44 19.35
C PRO B 326 -22.26 -1.85 20.69
#